data_5BPA
#
_entry.id   5BPA
#
_cell.length_a   135.281
_cell.length_b   36.141
_cell.length_c   96.097
_cell.angle_alpha   90.00
_cell.angle_beta   131.48
_cell.angle_gamma   90.00
#
_symmetry.space_group_name_H-M   'C 1 2 1'
#
loop_
_entity.id
_entity.type
_entity.pdbx_description
1 polymer 'Collagenase 3'
2 non-polymer 'ZINC ION'
3 non-polymer 'CALCIUM ION'
4 non-polymer '4-{[({5-[2-(ethoxycarbonyl)-1H-indol-5-yl]-1-methyl-1H-pyrazol-3-yl}carbonyl)amino]methyl}benzoic acid'
5 water water
#
_entity_poly.entity_id   1
_entity_poly.type   'polypeptide(L)'
_entity_poly.pdbx_seq_one_letter_code
;YNVFPRTLKWSKMNLTYRIVNYTPDMTHSEVEKAFKKAFKVWSDVTPLNFTRLHDGIADIMISFGIKEHGDFYPFDGPSG
LLAHAFPPGPNYGGDAHFDDDETWTSSSKGYNLFLVAAHEFGHSLGLDHSKDPGALMFPIYTYTGKSHFMLPDDDVQGIQ
SLYGPGDEDPN
;
_entity_poly.pdbx_strand_id   A,B
#
# COMPACT_ATOMS: atom_id res chain seq x y z
N TYR A 1 0.52 -15.19 -14.79
CA TYR A 1 1.11 -14.66 -13.56
C TYR A 1 1.17 -13.15 -13.60
N ASN A 2 1.49 -12.54 -12.45
CA ASN A 2 1.58 -11.09 -12.36
C ASN A 2 2.65 -10.65 -11.37
N VAL A 3 3.47 -9.70 -11.78
CA VAL A 3 4.49 -9.11 -10.93
C VAL A 3 3.95 -7.75 -10.45
N PHE A 4 4.45 -7.27 -9.31
CA PHE A 4 4.04 -5.95 -8.83
C PHE A 4 4.58 -4.84 -9.75
N PRO A 5 3.83 -3.75 -9.88
CA PRO A 5 4.27 -2.58 -10.68
C PRO A 5 5.60 -2.03 -10.19
N ARG A 6 6.33 -1.34 -11.07
CA ARG A 6 7.64 -0.78 -10.69
C ARG A 6 7.51 0.43 -9.76
N THR A 7 6.36 1.09 -9.82
CA THR A 7 6.11 2.25 -8.95
C THR A 7 4.81 2.08 -8.18
N LEU A 8 4.67 2.88 -7.13
CA LEU A 8 3.46 2.89 -6.30
C LEU A 8 2.36 3.70 -6.98
N LYS A 9 1.42 3.02 -7.64
CA LYS A 9 0.35 3.73 -8.35
C LYS A 9 -0.97 2.94 -8.39
N TRP A 10 -2.05 3.64 -8.66
CA TRP A 10 -3.36 2.98 -8.77
C TRP A 10 -3.41 2.18 -10.05
N SER A 11 -4.01 1.00 -9.99
CA SER A 11 -4.10 0.13 -11.16
C SER A 11 -5.46 0.27 -11.84
N LYS A 12 -6.20 1.32 -11.48
CA LYS A 12 -7.47 1.64 -12.11
C LYS A 12 -7.53 3.14 -12.33
N MET A 13 -8.35 3.57 -13.30
CA MET A 13 -8.43 4.98 -13.65
C MET A 13 -9.58 5.66 -12.95
N ASN A 14 -10.55 4.86 -12.50
CA ASN A 14 -11.71 5.39 -11.81
C ASN A 14 -11.48 5.30 -10.31
N LEU A 15 -11.29 6.46 -9.67
CA LEU A 15 -11.03 6.47 -8.24
C LEU A 15 -12.18 7.15 -7.54
N THR A 16 -12.45 6.73 -6.32
CA THR A 16 -13.50 7.35 -5.52
C THR A 16 -12.90 8.09 -4.34
N TYR A 17 -13.54 9.16 -3.90
CA TYR A 17 -13.14 9.82 -2.67
C TYR A 17 -14.33 10.06 -1.78
N ARG A 18 -14.09 10.18 -0.48
CA ARG A 18 -15.16 10.48 0.46
C ARG A 18 -14.65 11.49 1.47
N ILE A 19 -15.41 12.56 1.69
CA ILE A 19 -15.10 13.53 2.74
C ILE A 19 -15.76 13.00 4.00
N VAL A 20 -14.95 12.43 4.89
CA VAL A 20 -15.43 11.71 6.06
C VAL A 20 -15.96 12.68 7.13
N ASN A 21 -15.28 13.81 7.29
CA ASN A 21 -15.76 14.84 8.20
C ASN A 21 -15.26 16.20 7.73
N TYR A 22 -15.64 17.27 8.44
CA TYR A 22 -15.42 18.62 7.94
C TYR A 22 -14.75 19.50 8.99
N THR A 23 -13.93 20.44 8.53
CA THR A 23 -13.31 21.41 9.44
C THR A 23 -14.36 22.43 9.91
N PRO A 24 -14.19 22.94 11.15
CA PRO A 24 -15.03 24.05 11.63
C PRO A 24 -14.88 25.32 10.80
N ASP A 25 -13.72 25.52 10.17
CA ASP A 25 -13.36 26.80 9.58
C ASP A 25 -14.09 27.20 8.29
N MET A 26 -14.67 26.24 7.59
CA MET A 26 -15.25 26.50 6.28
C MET A 26 -16.60 25.81 6.16
N THR A 27 -17.44 26.30 5.26
CA THR A 27 -18.74 25.65 5.04
C THR A 27 -18.58 24.30 4.34
N HIS A 28 -19.58 23.44 4.42
CA HIS A 28 -19.48 22.15 3.73
C HIS A 28 -19.24 22.43 2.26
N SER A 29 -19.95 23.41 1.72
CA SER A 29 -19.83 23.75 0.30
C SER A 29 -18.42 24.25 -0.08
N GLU A 30 -17.83 25.08 0.78
CA GLU A 30 -16.47 25.56 0.53
C GLU A 30 -15.47 24.40 0.47
N VAL A 31 -15.59 23.47 1.41
CA VAL A 31 -14.71 22.32 1.50
C VAL A 31 -14.88 21.42 0.26
N GLU A 32 -16.12 21.14 -0.09
CA GLU A 32 -16.39 20.30 -1.26
C GLU A 32 -15.83 20.93 -2.53
N LYS A 33 -15.95 22.25 -2.64
CA LYS A 33 -15.48 22.93 -3.83
C LYS A 33 -13.96 22.92 -3.89
N ALA A 34 -13.32 23.08 -2.74
CA ALA A 34 -11.86 23.07 -2.67
C ALA A 34 -11.31 21.71 -3.10
N PHE A 35 -11.90 20.63 -2.59
CA PHE A 35 -11.44 19.28 -2.93
C PHE A 35 -11.77 18.93 -4.38
N LYS A 36 -12.94 19.36 -4.85
CA LYS A 36 -13.30 19.12 -6.26
C LYS A 36 -12.28 19.75 -7.20
N LYS A 37 -11.90 21.00 -6.89
CA LYS A 37 -10.91 21.71 -7.70
C LYS A 37 -9.54 21.04 -7.61
N ALA A 38 -9.20 20.57 -6.41
CA ALA A 38 -7.93 19.91 -6.19
C ALA A 38 -7.82 18.61 -6.98
N PHE A 39 -8.92 17.86 -7.08
CA PHE A 39 -8.90 16.66 -7.92
C PHE A 39 -8.80 16.97 -9.41
N LYS A 40 -9.50 18.01 -9.84
CA LYS A 40 -9.51 18.41 -11.25
C LYS A 40 -8.13 18.84 -11.75
N VAL A 41 -7.30 19.35 -10.85
CA VAL A 41 -5.93 19.67 -11.20
C VAL A 41 -5.24 18.44 -11.80
N TRP A 42 -5.44 17.30 -11.17
CA TRP A 42 -4.78 16.07 -11.59
C TRP A 42 -5.53 15.34 -12.70
N SER A 43 -6.87 15.38 -12.65
CA SER A 43 -7.63 14.69 -13.69
C SER A 43 -7.45 15.38 -15.04
N ASP A 44 -7.29 16.69 -15.03
CA ASP A 44 -7.12 17.46 -16.26
C ASP A 44 -5.91 17.00 -17.09
N VAL A 45 -4.92 16.39 -16.44
CA VAL A 45 -3.68 16.07 -17.15
C VAL A 45 -3.35 14.58 -17.19
N THR A 46 -4.36 13.75 -16.90
CA THR A 46 -4.18 12.31 -16.84
C THR A 46 -5.51 11.70 -17.34
N PRO A 47 -5.60 10.36 -17.38
CA PRO A 47 -6.90 9.74 -17.70
C PRO A 47 -7.69 9.41 -16.44
N LEU A 48 -7.25 9.91 -15.30
CA LEU A 48 -7.94 9.61 -14.03
C LEU A 48 -9.29 10.32 -13.94
N ASN A 49 -10.24 9.64 -13.29
CA ASN A 49 -11.55 10.22 -13.02
C ASN A 49 -11.79 10.10 -11.53
N PHE A 50 -12.33 11.14 -10.92
CA PHE A 50 -12.63 11.10 -9.50
C PHE A 50 -14.14 11.28 -9.26
N THR A 51 -14.70 10.37 -8.48
CA THR A 51 -16.13 10.41 -8.15
C THR A 51 -16.29 10.42 -6.64
N ARG A 52 -17.15 11.30 -6.16
CA ARG A 52 -17.37 11.42 -4.71
C ARG A 52 -18.40 10.41 -4.19
N LEU A 53 -18.05 9.78 -3.07
CA LEU A 53 -18.98 8.92 -2.33
C LEU A 53 -19.41 9.66 -1.08
N HIS A 54 -20.66 9.45 -0.65
CA HIS A 54 -21.13 10.13 0.56
C HIS A 54 -20.93 9.27 1.78
N ASP A 55 -20.79 7.97 1.56
CA ASP A 55 -20.58 7.03 2.64
C ASP A 55 -19.81 5.84 2.10
N GLY A 56 -19.46 4.93 2.99
CA GLY A 56 -18.83 3.68 2.59
C GLY A 56 -17.33 3.82 2.43
N ILE A 57 -16.73 2.86 1.72
CA ILE A 57 -15.29 2.83 1.55
C ILE A 57 -14.90 3.42 0.20
N ALA A 58 -14.06 4.45 0.24
CA ALA A 58 -13.58 5.09 -0.97
C ALA A 58 -12.10 4.81 -1.11
N ASP A 59 -11.56 4.98 -2.31
CA ASP A 59 -10.13 4.83 -2.53
C ASP A 59 -9.36 5.87 -1.73
N ILE A 60 -9.85 7.10 -1.76
CA ILE A 60 -9.22 8.21 -1.06
C ILE A 60 -10.16 8.76 0.03
N MET A 61 -9.92 8.34 1.26
CA MET A 61 -10.69 8.80 2.41
C MET A 61 -10.06 10.06 2.98
N ILE A 62 -10.83 11.13 3.03
CA ILE A 62 -10.33 12.45 3.44
C ILE A 62 -10.92 12.79 4.81
N SER A 63 -10.08 13.18 5.75
CA SER A 63 -10.61 13.54 7.06
C SER A 63 -9.80 14.64 7.70
N PHE A 64 -10.43 15.34 8.64
CA PHE A 64 -9.76 16.35 9.46
C PHE A 64 -9.64 15.79 10.88
N GLY A 65 -8.47 15.90 11.47
CA GLY A 65 -8.26 15.36 12.80
C GLY A 65 -7.14 16.11 13.50
N ILE A 66 -6.98 15.86 14.78
CA ILE A 66 -5.89 16.49 15.53
C ILE A 66 -5.10 15.45 16.27
N LYS A 67 -3.85 15.80 16.59
CA LYS A 67 -3.00 14.93 17.39
C LYS A 67 -3.03 13.49 16.90
N GLU A 68 -3.23 12.54 17.81
CA GLU A 68 -3.36 11.14 17.43
C GLU A 68 -4.74 10.90 16.80
N HIS A 69 -4.75 10.42 15.56
CA HIS A 69 -6.01 10.31 14.83
C HIS A 69 -6.14 9.00 14.04
N GLY A 70 -5.33 8.01 14.38
CA GLY A 70 -5.51 6.66 13.85
C GLY A 70 -4.44 6.15 12.91
N ASP A 71 -3.24 6.73 12.97
CA ASP A 71 -2.12 6.23 12.19
C ASP A 71 -0.82 6.46 12.94
N PHE A 72 0.31 6.30 12.27
CA PHE A 72 1.61 6.45 12.94
C PHE A 72 2.13 7.88 12.90
N TYR A 73 1.32 8.80 12.40
CA TYR A 73 1.75 10.16 12.14
C TYR A 73 0.86 11.22 12.80
N PRO A 74 0.91 11.27 14.13
CA PRO A 74 0.11 12.22 14.92
C PRO A 74 0.40 13.65 14.50
N PHE A 75 -0.63 14.49 14.50
CA PHE A 75 -0.41 15.89 14.25
C PHE A 75 0.08 16.54 15.53
N ASP A 76 0.40 17.82 15.44
CA ASP A 76 1.22 18.45 16.46
C ASP A 76 0.66 19.78 16.95
N GLY A 77 -0.64 19.98 16.82
CA GLY A 77 -1.25 21.22 17.26
C GLY A 77 -1.04 22.31 16.23
N PRO A 78 -1.31 23.56 16.59
CA PRO A 78 -1.21 24.67 15.62
C PRO A 78 0.20 24.78 15.03
N SER A 79 0.29 25.14 13.76
CA SER A 79 1.57 25.31 13.08
C SER A 79 2.29 23.98 12.90
N GLY A 80 3.51 23.97 12.37
CA GLY A 80 4.21 22.72 12.17
C GLY A 80 3.63 21.90 11.03
N LEU A 81 3.45 20.60 11.23
CA LEU A 81 2.82 19.73 10.24
C LEU A 81 1.41 20.23 9.93
N LEU A 82 1.01 20.22 8.66
CA LEU A 82 -0.35 20.66 8.33
C LEU A 82 -1.26 19.58 7.76
N ALA A 83 -0.66 18.58 7.12
CA ALA A 83 -1.47 17.56 6.44
C ALA A 83 -0.52 16.51 5.90
N HIS A 84 -1.04 15.31 5.64
CA HIS A 84 -0.25 14.29 4.95
C HIS A 84 -1.20 13.34 4.25
N ALA A 85 -0.66 12.56 3.31
CA ALA A 85 -1.49 11.61 2.57
C ALA A 85 -0.64 10.39 2.29
N PHE A 86 -1.29 9.24 2.16
CA PHE A 86 -0.61 7.98 1.95
C PHE A 86 -0.58 7.64 0.47
N PRO A 87 0.51 7.01 0.01
CA PRO A 87 0.64 6.62 -1.39
C PRO A 87 -0.39 5.55 -1.74
N PRO A 88 -0.64 5.33 -3.04
CA PRO A 88 -1.58 4.27 -3.44
C PRO A 88 -1.29 2.93 -2.77
N GLY A 89 -2.34 2.23 -2.36
CA GLY A 89 -2.18 0.96 -1.69
C GLY A 89 -3.49 0.53 -1.05
N PRO A 90 -3.49 -0.64 -0.41
CA PRO A 90 -4.70 -1.17 0.25
C PRO A 90 -5.01 -0.38 1.50
N ASN A 91 -6.25 -0.46 1.98
CA ASN A 91 -6.61 0.15 3.26
C ASN A 91 -6.39 1.65 3.27
N TYR A 92 -5.52 2.13 4.16
CA TYR A 92 -5.26 3.57 4.28
C TYR A 92 -4.53 4.18 3.08
N GLY A 93 -4.02 3.34 2.19
CA GLY A 93 -3.38 3.85 0.99
C GLY A 93 -4.25 4.86 0.27
N GLY A 94 -3.69 6.02 -0.05
CA GLY A 94 -4.43 7.06 -0.73
C GLY A 94 -5.10 8.09 0.18
N ASP A 95 -5.29 7.74 1.44
CA ASP A 95 -6.06 8.60 2.35
C ASP A 95 -5.32 9.90 2.59
N ALA A 96 -6.07 10.97 2.81
CA ALA A 96 -5.50 12.29 3.03
C ALA A 96 -6.03 12.84 4.33
N HIS A 97 -5.13 13.29 5.20
CA HIS A 97 -5.51 13.80 6.52
C HIS A 97 -5.07 15.25 6.67
N PHE A 98 -5.94 16.07 7.25
CA PHE A 98 -5.66 17.48 7.43
C PHE A 98 -5.73 17.82 8.92
N ASP A 99 -4.75 18.57 9.40
CA ASP A 99 -4.67 18.87 10.83
C ASP A 99 -5.66 19.97 11.19
N ASP A 100 -6.66 19.65 11.99
CA ASP A 100 -7.70 20.62 12.27
C ASP A 100 -7.31 21.55 13.42
N ASP A 101 -6.06 21.49 13.82
CA ASP A 101 -5.52 22.54 14.69
C ASP A 101 -5.00 23.73 13.86
N GLU A 102 -5.01 23.59 12.53
CA GLU A 102 -4.67 24.71 11.65
C GLU A 102 -5.91 25.50 11.27
N THR A 103 -5.71 26.66 10.67
CA THR A 103 -6.81 27.43 10.12
C THR A 103 -6.85 27.23 8.61
N TRP A 104 -7.96 26.66 8.14
CA TRP A 104 -8.16 26.39 6.71
C TRP A 104 -9.07 27.45 6.12
N THR A 105 -8.79 27.85 4.89
CA THR A 105 -9.57 28.90 4.26
C THR A 105 -9.79 28.65 2.77
N SER A 106 -10.77 29.34 2.22
CA SER A 106 -11.00 29.37 0.77
C SER A 106 -10.17 30.49 0.15
N SER A 107 -9.59 31.36 0.99
CA SER A 107 -8.86 32.52 0.50
C SER A 107 -7.37 32.44 0.87
N SER A 108 -6.83 33.55 1.36
CA SER A 108 -5.41 33.64 1.71
C SER A 108 -5.20 33.71 3.22
N LYS A 109 -6.28 33.89 3.96
CA LYS A 109 -6.21 34.07 5.40
C LYS A 109 -6.15 32.76 6.18
N GLY A 110 -4.97 32.17 6.24
CA GLY A 110 -4.78 30.85 6.82
C GLY A 110 -4.20 29.99 5.71
N TYR A 111 -4.28 28.67 5.84
CA TYR A 111 -3.80 27.81 4.75
C TYR A 111 -4.94 27.58 3.77
N ASN A 112 -4.70 27.88 2.51
CA ASN A 112 -5.71 27.68 1.48
C ASN A 112 -5.93 26.19 1.28
N LEU A 113 -7.16 25.71 1.48
CA LEU A 113 -7.42 24.29 1.49
C LEU A 113 -7.23 23.66 0.11
N PHE A 114 -7.68 24.38 -0.92
CA PHE A 114 -7.50 23.92 -2.29
C PHE A 114 -6.04 23.60 -2.59
N LEU A 115 -5.14 24.53 -2.26
CA LEU A 115 -3.71 24.35 -2.54
C LEU A 115 -3.09 23.20 -1.75
N VAL A 116 -3.36 23.12 -0.46
CA VAL A 116 -2.79 22.04 0.33
C VAL A 116 -3.35 20.69 -0.12
N ALA A 117 -4.63 20.67 -0.47
CA ALA A 117 -5.28 19.45 -0.92
C ALA A 117 -4.70 19.00 -2.26
N ALA A 118 -4.51 19.95 -3.17
CA ALA A 118 -3.94 19.65 -4.47
C ALA A 118 -2.58 18.99 -4.26
N HIS A 119 -1.76 19.56 -3.39
CA HIS A 119 -0.48 18.92 -3.03
C HIS A 119 -0.64 17.54 -2.43
N GLU A 120 -1.54 17.40 -1.45
CA GLU A 120 -1.66 16.12 -0.80
C GLU A 120 -2.17 15.02 -1.75
N PHE A 121 -3.06 15.38 -2.67
CA PHE A 121 -3.61 14.37 -3.58
C PHE A 121 -2.53 13.91 -4.55
N GLY A 122 -1.51 14.73 -4.75
CA GLY A 122 -0.34 14.29 -5.50
C GLY A 122 0.24 13.07 -4.81
N HIS A 123 0.37 13.14 -3.48
CA HIS A 123 0.82 12.00 -2.71
C HIS A 123 -0.15 10.82 -2.82
N SER A 124 -1.44 11.10 -2.73
CA SER A 124 -2.45 10.04 -2.82
C SER A 124 -2.36 9.29 -4.15
N LEU A 125 -1.84 9.97 -5.17
CA LEU A 125 -1.73 9.38 -6.51
C LEU A 125 -0.37 8.76 -6.80
N GLY A 126 0.63 9.05 -5.96
CA GLY A 126 1.91 8.38 -6.06
C GLY A 126 3.12 9.29 -6.31
N LEU A 127 2.93 10.59 -6.17
CA LEU A 127 4.06 11.52 -6.26
C LEU A 127 4.64 11.79 -4.88
N ASP A 128 5.98 11.79 -4.79
CA ASP A 128 6.65 12.20 -3.56
C ASP A 128 7.03 13.67 -3.72
N HIS A 129 7.85 14.19 -2.81
CA HIS A 129 8.23 15.60 -2.94
C HIS A 129 9.22 15.82 -4.08
N SER A 130 9.15 17.00 -4.68
CA SER A 130 10.02 17.38 -5.79
C SER A 130 11.08 18.35 -5.29
N LYS A 131 12.21 18.42 -6.00
CA LYS A 131 13.25 19.40 -5.68
C LYS A 131 13.09 20.66 -6.52
N ASP A 132 12.18 20.64 -7.49
CA ASP A 132 11.90 21.82 -8.28
C ASP A 132 11.16 22.86 -7.44
N PRO A 133 11.79 24.02 -7.20
CA PRO A 133 11.23 25.03 -6.31
C PRO A 133 9.89 25.59 -6.80
N GLY A 134 9.59 25.39 -8.07
CA GLY A 134 8.36 25.93 -8.64
C GLY A 134 7.24 24.90 -8.70
N ALA A 135 7.52 23.68 -8.23
CA ALA A 135 6.58 22.56 -8.33
C ALA A 135 5.51 22.60 -7.24
N LEU A 136 4.32 22.11 -7.57
CA LEU A 136 3.29 21.93 -6.55
C LEU A 136 3.74 20.93 -5.48
N MET A 137 4.54 19.93 -5.87
CA MET A 137 5.03 18.92 -4.93
C MET A 137 6.28 19.38 -4.16
N PHE A 138 6.72 20.61 -4.40
CA PHE A 138 7.77 21.17 -3.56
C PHE A 138 7.16 21.32 -2.17
N PRO A 139 7.84 20.82 -1.13
CA PRO A 139 7.19 20.62 0.18
C PRO A 139 7.09 21.88 1.04
N ILE A 140 6.94 23.05 0.43
CA ILE A 140 6.80 24.29 1.17
C ILE A 140 5.58 25.03 0.68
N TYR A 141 4.65 25.31 1.60
CA TYR A 141 3.43 26.02 1.23
C TYR A 141 3.72 27.42 0.72
N THR A 142 3.07 27.80 -0.37
CA THR A 142 3.05 29.20 -0.81
C THR A 142 1.69 29.57 -1.38
N TYR A 143 1.44 30.87 -1.45
CA TYR A 143 0.20 31.41 -2.01
C TYR A 143 0.59 32.65 -2.80
N THR A 144 0.37 32.62 -4.11
CA THR A 144 0.97 33.63 -4.99
C THR A 144 0.09 34.83 -5.25
N GLY A 145 -1.16 34.77 -4.80
CA GLY A 145 -2.05 35.91 -4.92
C GLY A 145 -2.73 36.07 -6.27
N LYS A 146 -2.18 35.43 -7.31
CA LYS A 146 -2.81 35.50 -8.62
C LYS A 146 -4.10 34.70 -8.65
N SER A 147 -4.90 34.92 -9.69
CA SER A 147 -6.27 34.42 -9.72
C SER A 147 -6.46 33.11 -10.47
N HIS A 148 -5.45 32.70 -11.24
CA HIS A 148 -5.56 31.48 -12.03
CA HIS A 148 -5.57 31.47 -12.02
C HIS A 148 -4.46 30.47 -11.71
N PHE A 149 -4.87 29.33 -11.17
CA PHE A 149 -3.94 28.24 -10.87
C PHE A 149 -3.50 27.54 -12.14
N MET A 150 -2.22 27.20 -12.23
CA MET A 150 -1.73 26.36 -13.31
C MET A 150 -0.78 25.32 -12.72
N LEU A 151 -1.03 24.05 -13.02
CA LEU A 151 -0.17 23.00 -12.48
C LEU A 151 1.20 23.10 -13.12
N PRO A 152 2.25 23.25 -12.31
CA PRO A 152 3.61 23.42 -12.86
C PRO A 152 4.08 22.20 -13.65
N ASP A 153 4.90 22.45 -14.67
CA ASP A 153 5.33 21.36 -15.54
CA ASP A 153 5.41 21.39 -15.55
C ASP A 153 5.98 20.18 -14.82
N ASP A 154 6.74 20.43 -13.76
CA ASP A 154 7.36 19.32 -13.07
C ASP A 154 6.33 18.32 -12.55
N ASP A 155 5.21 18.84 -12.06
CA ASP A 155 4.15 17.99 -11.55
C ASP A 155 3.42 17.27 -12.69
N VAL A 156 3.21 17.98 -13.79
CA VAL A 156 2.65 17.38 -14.99
C VAL A 156 3.53 16.22 -15.44
N GLN A 157 4.83 16.45 -15.59
CA GLN A 157 5.70 15.36 -16.00
C GLN A 157 5.67 14.18 -15.04
N GLY A 158 5.65 14.47 -13.73
CA GLY A 158 5.64 13.42 -12.75
C GLY A 158 4.38 12.56 -12.81
N ILE A 159 3.23 13.20 -12.84
CA ILE A 159 1.97 12.46 -12.79
C ILE A 159 1.71 11.70 -14.09
N GLN A 160 2.11 12.29 -15.21
CA GLN A 160 1.98 11.59 -16.49
C GLN A 160 2.95 10.42 -16.64
N SER A 161 4.07 10.48 -15.93
CA SER A 161 4.99 9.35 -15.92
C SER A 161 4.33 8.13 -15.28
N LEU A 162 3.33 8.39 -14.45
CA LEU A 162 2.63 7.31 -13.76
C LEU A 162 1.41 6.83 -14.54
N TYR A 163 0.61 7.77 -15.03
CA TYR A 163 -0.72 7.44 -15.55
C TYR A 163 -0.93 7.76 -17.01
N GLY A 164 0.08 8.36 -17.65
CA GLY A 164 -0.11 8.91 -18.98
C GLY A 164 -0.89 10.22 -18.96
N PRO A 165 -1.05 10.84 -20.14
CA PRO A 165 -1.68 12.15 -20.28
C PRO A 165 -3.21 12.12 -20.39
N GLY A 166 -3.80 10.96 -20.60
CA GLY A 166 -5.21 10.94 -20.96
C GLY A 166 -5.37 11.75 -22.23
N ASP A 167 -6.54 12.35 -22.43
CA ASP A 167 -6.80 13.14 -23.64
C ASP A 167 -5.92 14.37 -23.58
N GLU A 168 -5.08 14.56 -24.60
CA GLU A 168 -4.14 15.67 -24.59
C GLU A 168 -4.81 16.97 -24.99
N ASP A 169 -6.06 16.90 -25.44
CA ASP A 169 -6.79 18.09 -25.80
C ASP A 169 -7.94 18.33 -24.84
N TYR B 1 10.86 15.88 -10.27
CA TYR B 1 9.81 15.18 -9.50
C TYR B 1 10.31 13.85 -8.97
N ASN B 2 9.59 13.30 -8.01
CA ASN B 2 9.90 11.99 -7.47
C ASN B 2 8.63 11.15 -7.36
N VAL B 3 8.74 9.86 -7.64
CA VAL B 3 7.63 8.95 -7.44
C VAL B 3 8.02 8.02 -6.31
N PHE B 4 7.14 7.09 -5.95
CA PHE B 4 7.49 6.09 -4.95
C PHE B 4 7.92 4.80 -5.65
N PRO B 5 9.23 4.60 -5.80
CA PRO B 5 9.74 3.43 -6.53
C PRO B 5 9.46 2.13 -5.78
N ARG B 6 8.87 1.15 -6.46
CA ARG B 6 8.69 -0.19 -5.89
C ARG B 6 9.91 -1.05 -6.20
N THR B 7 10.29 -1.87 -5.23
CA THR B 7 11.33 -2.86 -5.46
C THR B 7 10.71 -4.10 -6.08
N LEU B 8 10.92 -4.29 -7.39
CA LEU B 8 10.30 -5.41 -8.09
C LEU B 8 10.77 -6.74 -7.55
N LYS B 9 12.05 -6.82 -7.19
CA LYS B 9 12.61 -8.05 -6.68
C LYS B 9 13.72 -7.76 -5.69
N TRP B 10 14.05 -8.75 -4.87
CA TRP B 10 15.15 -8.61 -3.93
C TRP B 10 16.47 -8.46 -4.69
N SER B 11 17.33 -7.56 -4.24
CA SER B 11 18.59 -7.27 -4.92
C SER B 11 19.63 -8.34 -4.62
N LYS B 12 19.38 -9.13 -3.59
CA LYS B 12 20.27 -10.22 -3.20
C LYS B 12 19.54 -11.55 -3.34
N MET B 13 20.31 -12.62 -3.53
CA MET B 13 19.72 -13.95 -3.69
C MET B 13 19.63 -14.70 -2.37
N ASN B 14 20.38 -14.25 -1.37
CA ASN B 14 20.35 -14.88 -0.05
C ASN B 14 19.57 -14.02 0.93
N LEU B 15 18.45 -14.56 1.41
CA LEU B 15 17.55 -13.81 2.27
C LEU B 15 17.47 -14.49 3.63
N THR B 16 17.21 -13.71 4.67
CA THR B 16 17.01 -14.26 6.01
C THR B 16 15.54 -14.11 6.40
N TYR B 17 15.08 -14.99 7.28
CA TYR B 17 13.74 -14.88 7.85
C TYR B 17 13.78 -15.21 9.33
N ARG B 18 12.79 -14.70 10.06
CA ARG B 18 12.73 -14.98 11.49
C ARG B 18 11.27 -15.24 11.82
N ILE B 19 11.02 -16.30 12.58
CA ILE B 19 9.69 -16.58 13.12
C ILE B 19 9.61 -15.89 14.47
N VAL B 20 8.92 -14.76 14.52
CA VAL B 20 8.90 -13.94 15.72
C VAL B 20 8.06 -14.55 16.83
N ASN B 21 6.92 -15.13 16.47
CA ASN B 21 6.11 -15.78 17.48
C ASN B 21 5.33 -16.93 16.84
N TYR B 22 4.52 -17.63 17.65
CA TYR B 22 3.95 -18.92 17.24
C TYR B 22 2.47 -19.03 17.55
N THR B 23 1.72 -19.63 16.65
CA THR B 23 0.30 -19.86 16.87
C THR B 23 0.04 -20.94 17.93
N PRO B 24 -1.09 -20.82 18.65
CA PRO B 24 -1.39 -21.85 19.65
C PRO B 24 -1.81 -23.17 18.98
N ASP B 25 -2.18 -23.10 17.70
CA ASP B 25 -2.86 -24.20 17.01
C ASP B 25 -1.97 -25.39 16.65
N MET B 26 -0.66 -25.17 16.59
CA MET B 26 0.29 -26.17 16.10
C MET B 26 1.52 -26.19 17.01
N THR B 27 2.25 -27.29 17.06
CA THR B 27 3.49 -27.34 17.83
C THR B 27 4.54 -26.40 17.22
N HIS B 28 5.55 -26.03 17.99
CA HIS B 28 6.61 -25.17 17.45
C HIS B 28 7.23 -25.89 16.26
N SER B 29 7.47 -27.18 16.45
CA SER B 29 8.07 -28.00 15.39
C SER B 29 7.27 -27.97 14.09
N GLU B 30 5.96 -28.11 14.18
CA GLU B 30 5.13 -28.10 12.97
C GLU B 30 5.16 -26.75 12.25
N VAL B 31 5.19 -25.67 13.04
CA VAL B 31 5.21 -24.35 12.45
C VAL B 31 6.53 -24.11 11.72
N GLU B 32 7.62 -24.55 12.34
CA GLU B 32 8.94 -24.40 11.75
C GLU B 32 9.04 -25.17 10.44
N LYS B 33 8.50 -26.39 10.45
CA LYS B 33 8.50 -27.24 9.26
C LYS B 33 7.68 -26.62 8.13
N ALA B 34 6.52 -26.06 8.48
CA ALA B 34 5.65 -25.43 7.48
C ALA B 34 6.30 -24.27 6.78
N PHE B 35 6.93 -23.40 7.55
CA PHE B 35 7.56 -22.25 6.93
C PHE B 35 8.79 -22.67 6.11
N LYS B 36 9.57 -23.61 6.65
CA LYS B 36 10.72 -24.13 5.92
C LYS B 36 10.30 -24.70 4.57
N LYS B 37 9.23 -25.49 4.57
CA LYS B 37 8.70 -26.04 3.32
C LYS B 37 8.17 -24.97 2.37
N ALA B 38 7.50 -23.96 2.92
CA ALA B 38 6.98 -22.87 2.12
C ALA B 38 8.08 -22.08 1.41
N PHE B 39 9.22 -21.91 2.08
CA PHE B 39 10.35 -21.27 1.42
C PHE B 39 10.95 -22.18 0.35
N LYS B 40 11.03 -23.47 0.66
CA LYS B 40 11.60 -24.44 -0.28
C LYS B 40 10.85 -24.44 -1.61
N VAL B 41 9.55 -24.19 -1.55
CA VAL B 41 8.74 -24.09 -2.77
C VAL B 41 9.39 -23.15 -3.79
N TRP B 42 9.88 -22.01 -3.30
CA TRP B 42 10.39 -20.97 -4.18
C TRP B 42 11.89 -21.08 -4.44
N SER B 43 12.64 -21.59 -3.46
CA SER B 43 14.08 -21.77 -3.64
C SER B 43 14.38 -22.94 -4.59
N ASP B 44 13.46 -23.89 -4.65
CA ASP B 44 13.59 -25.05 -5.53
C ASP B 44 13.62 -24.68 -7.00
N VAL B 45 13.04 -23.52 -7.36
CA VAL B 45 12.95 -23.15 -8.77
C VAL B 45 13.57 -21.82 -9.11
N THR B 46 14.40 -21.31 -8.20
CA THR B 46 15.12 -20.05 -8.42
C THR B 46 16.51 -20.16 -7.79
N PRO B 47 17.33 -19.11 -7.95
CA PRO B 47 18.61 -19.13 -7.24
C PRO B 47 18.48 -18.65 -5.80
N LEU B 48 17.25 -18.37 -5.35
CA LEU B 48 17.05 -17.86 -3.99
C LEU B 48 17.43 -18.86 -2.90
N ASN B 49 18.09 -18.38 -1.84
CA ASN B 49 18.38 -19.20 -0.68
C ASN B 49 17.83 -18.51 0.57
N PHE B 50 17.34 -19.29 1.51
CA PHE B 50 16.70 -18.76 2.71
C PHE B 50 17.32 -19.35 3.97
N THR B 51 17.73 -18.48 4.88
CA THR B 51 18.35 -18.92 6.13
C THR B 51 17.60 -18.35 7.32
N ARG B 52 17.39 -19.15 8.34
CA ARG B 52 16.61 -18.71 9.50
C ARG B 52 17.49 -18.06 10.56
N LEU B 53 17.04 -16.90 11.06
CA LEU B 53 17.67 -16.26 12.20
C LEU B 53 16.76 -16.40 13.42
N HIS B 54 17.36 -16.49 14.60
CA HIS B 54 16.58 -16.62 15.83
C HIS B 54 16.39 -15.31 16.60
N ASP B 55 17.13 -14.28 16.23
CA ASP B 55 16.96 -12.96 16.85
C ASP B 55 17.39 -11.83 15.94
N GLY B 56 17.00 -10.62 16.30
CA GLY B 56 17.34 -9.45 15.53
C GLY B 56 16.52 -9.30 14.27
N ILE B 57 16.98 -8.42 13.39
CA ILE B 57 16.28 -8.12 12.15
C ILE B 57 16.59 -9.16 11.08
N ALA B 58 15.55 -9.55 10.33
CA ALA B 58 15.71 -10.43 9.17
C ALA B 58 14.96 -9.81 7.98
N ASP B 59 15.29 -10.24 6.76
CA ASP B 59 14.63 -9.70 5.58
C ASP B 59 13.13 -10.00 5.61
N ILE B 60 12.78 -11.20 6.06
CA ILE B 60 11.38 -11.60 6.15
C ILE B 60 11.03 -11.90 7.61
N MET B 61 10.29 -10.99 8.23
CA MET B 61 9.86 -11.19 9.61
C MET B 61 8.46 -11.81 9.60
N ILE B 62 8.34 -12.97 10.21
CA ILE B 62 7.08 -13.72 10.21
C ILE B 62 6.44 -13.67 11.58
N SER B 63 5.17 -13.30 11.64
CA SER B 63 4.50 -13.28 12.92
C SER B 63 3.02 -13.58 12.79
N PHE B 64 2.43 -13.99 13.91
CA PHE B 64 0.99 -14.20 14.02
C PHE B 64 0.41 -13.09 14.85
N GLY B 65 -0.70 -12.50 14.42
CA GLY B 65 -1.30 -11.43 15.19
C GLY B 65 -2.81 -11.47 15.04
N ILE B 66 -3.51 -10.71 15.87
CA ILE B 66 -4.95 -10.57 15.66
C ILE B 66 -5.36 -9.10 15.58
N LYS B 67 -6.49 -8.85 14.94
CA LYS B 67 -7.03 -7.50 14.82
C LYS B 67 -5.94 -6.48 14.45
N GLU B 68 -5.85 -5.38 15.20
CA GLU B 68 -4.79 -4.40 14.95
C GLU B 68 -3.51 -4.88 15.59
N HIS B 69 -2.49 -5.12 14.77
CA HIS B 69 -1.31 -5.82 15.26
C HIS B 69 -0.02 -5.10 14.94
N GLY B 70 -0.13 -3.83 14.55
CA GLY B 70 1.04 -2.97 14.47
C GLY B 70 1.36 -2.40 13.12
N ASP B 71 0.46 -2.55 12.14
CA ASP B 71 0.72 -1.95 10.84
C ASP B 71 -0.48 -1.23 10.25
N PHE B 72 -1.56 -1.17 11.01
CA PHE B 72 -2.78 -0.51 10.54
C PHE B 72 -3.39 -1.17 9.30
N TYR B 73 -3.07 -2.45 9.12
CA TYR B 73 -3.81 -3.32 8.20
C TYR B 73 -4.43 -4.41 9.06
N PRO B 74 -5.49 -4.06 9.82
CA PRO B 74 -5.98 -4.95 10.88
C PRO B 74 -6.64 -6.21 10.32
N PHE B 75 -6.47 -7.32 11.02
CA PHE B 75 -7.20 -8.54 10.68
C PHE B 75 -8.61 -8.41 11.24
N ASP B 76 -9.46 -9.39 10.96
CA ASP B 76 -10.89 -9.24 11.17
C ASP B 76 -11.55 -10.40 11.91
N GLY B 77 -10.80 -11.09 12.75
CA GLY B 77 -11.33 -12.24 13.46
C GLY B 77 -11.45 -13.46 12.57
N PRO B 78 -12.22 -14.48 13.00
CA PRO B 78 -12.35 -15.68 12.18
C PRO B 78 -12.95 -15.41 10.78
N SER B 79 -12.44 -16.08 9.77
CA SER B 79 -12.90 -15.92 8.38
C SER B 79 -12.43 -14.62 7.75
N GLY B 80 -12.78 -14.39 6.49
CA GLY B 80 -12.34 -13.20 5.79
C GLY B 80 -10.84 -13.21 5.57
N LEU B 81 -10.16 -12.12 5.93
CA LEU B 81 -8.71 -12.03 5.76
C LEU B 81 -7.98 -13.16 6.49
N LEU B 82 -7.02 -13.82 5.83
CA LEU B 82 -6.29 -14.91 6.50
C LEU B 82 -4.86 -14.52 6.83
N ALA B 83 -4.28 -13.69 5.98
CA ALA B 83 -2.86 -13.36 6.08
C ALA B 83 -2.55 -12.26 5.07
N HIS B 84 -1.44 -11.56 5.28
CA HIS B 84 -0.95 -10.65 4.26
C HIS B 84 0.56 -10.54 4.35
N ALA B 85 1.17 -10.07 3.26
CA ALA B 85 2.62 -9.94 3.22
C ALA B 85 3.00 -8.71 2.42
N PHE B 86 4.15 -8.12 2.78
CA PHE B 86 4.60 -6.90 2.13
C PHE B 86 5.56 -7.23 1.00
N PRO B 87 5.52 -6.47 -0.09
CA PRO B 87 6.42 -6.66 -1.22
C PRO B 87 7.88 -6.46 -0.83
N PRO B 88 8.82 -6.92 -1.66
CA PRO B 88 10.25 -6.82 -1.36
C PRO B 88 10.68 -5.40 -1.03
N GLY B 89 11.75 -5.26 -0.25
CA GLY B 89 12.27 -3.96 0.11
C GLY B 89 12.74 -3.91 1.55
N PRO B 90 13.27 -2.76 1.98
CA PRO B 90 13.72 -2.54 3.36
C PRO B 90 12.55 -2.34 4.31
N ASN B 91 12.82 -2.34 5.60
CA ASN B 91 11.81 -2.10 6.63
C ASN B 91 10.76 -3.22 6.70
N TYR B 92 9.49 -2.86 6.59
CA TYR B 92 8.41 -3.85 6.64
C TYR B 92 8.40 -4.75 5.39
N GLY B 93 9.08 -4.30 4.33
CA GLY B 93 9.13 -5.05 3.08
C GLY B 93 9.48 -6.51 3.28
N GLY B 94 8.69 -7.40 2.70
CA GLY B 94 8.97 -8.83 2.82
C GLY B 94 8.25 -9.51 3.97
N ASP B 95 7.86 -8.76 4.99
CA ASP B 95 7.27 -9.35 6.19
C ASP B 95 5.94 -10.04 5.89
N ALA B 96 5.65 -11.09 6.65
CA ALA B 96 4.40 -11.85 6.48
C ALA B 96 3.68 -12.02 7.83
N HIS B 97 2.41 -11.65 7.86
CA HIS B 97 1.60 -11.74 9.07
C HIS B 97 0.44 -12.70 8.86
N PHE B 98 0.21 -13.55 9.84
CA PHE B 98 -0.90 -14.50 9.77
C PHE B 98 -1.94 -14.20 10.85
N ASP B 99 -3.21 -14.28 10.49
CA ASP B 99 -4.30 -13.96 11.42
C ASP B 99 -4.48 -15.09 12.41
N ASP B 100 -4.16 -14.84 13.68
CA ASP B 100 -4.25 -15.89 14.66
C ASP B 100 -5.67 -16.04 15.21
N ASP B 101 -6.63 -15.42 14.56
CA ASP B 101 -8.04 -15.72 14.87
C ASP B 101 -8.55 -16.81 13.92
N GLU B 102 -7.69 -17.20 12.99
CA GLU B 102 -7.96 -18.36 12.12
C GLU B 102 -7.40 -19.60 12.78
N THR B 103 -7.93 -20.76 12.43
CA THR B 103 -7.38 -22.01 12.92
C THR B 103 -6.36 -22.53 11.90
N TRP B 104 -5.11 -22.65 12.33
CA TRP B 104 -4.01 -23.09 11.48
C TRP B 104 -3.74 -24.56 11.72
N THR B 105 -3.41 -25.28 10.65
CA THR B 105 -3.21 -26.71 10.81
C THR B 105 -2.08 -27.24 9.95
N SER B 106 -1.50 -28.35 10.38
CA SER B 106 -0.53 -29.06 9.57
C SER B 106 -1.25 -30.00 8.61
N SER B 107 -2.56 -30.16 8.79
CA SER B 107 -3.35 -30.99 7.88
C SER B 107 -4.48 -30.23 7.18
N SER B 108 -5.73 -30.67 7.38
CA SER B 108 -6.87 -30.07 6.67
C SER B 108 -7.88 -29.40 7.61
N LYS B 109 -7.79 -29.70 8.90
CA LYS B 109 -8.71 -29.17 9.90
C LYS B 109 -8.45 -27.69 10.15
N GLY B 110 -8.90 -26.85 9.21
CA GLY B 110 -8.59 -25.43 9.27
C GLY B 110 -7.78 -25.06 8.05
N TYR B 111 -7.00 -23.99 8.13
CA TYR B 111 -6.18 -23.59 6.99
C TYR B 111 -4.78 -24.17 7.10
N ASN B 112 -4.33 -24.85 6.05
CA ASN B 112 -3.01 -25.44 6.07
C ASN B 112 -1.98 -24.30 6.05
N LEU B 113 -1.18 -24.22 7.11
CA LEU B 113 -0.23 -23.11 7.26
C LEU B 113 0.81 -23.11 6.14
N PHE B 114 1.34 -24.28 5.84
CA PHE B 114 2.31 -24.41 4.76
C PHE B 114 1.77 -23.78 3.47
N LEU B 115 0.55 -24.13 3.08
CA LEU B 115 0.00 -23.60 1.83
C LEU B 115 -0.19 -22.10 1.85
N VAL B 116 -0.72 -21.58 2.95
CA VAL B 116 -0.99 -20.16 2.99
C VAL B 116 0.34 -19.39 3.03
N ALA B 117 1.31 -19.94 3.75
CA ALA B 117 2.64 -19.32 3.82
C ALA B 117 3.31 -19.33 2.44
N ALA B 118 3.21 -20.45 1.73
CA ALA B 118 3.80 -20.52 0.39
C ALA B 118 3.23 -19.44 -0.48
N HIS B 119 1.91 -19.25 -0.40
CA HIS B 119 1.24 -18.19 -1.15
C HIS B 119 1.71 -16.81 -0.70
N GLU B 120 1.79 -16.58 0.60
CA GLU B 120 2.20 -15.26 1.11
C GLU B 120 3.66 -14.95 0.76
N PHE B 121 4.52 -15.95 0.89
CA PHE B 121 5.93 -15.75 0.52
C PHE B 121 6.09 -15.39 -0.96
N GLY B 122 5.15 -15.83 -1.80
CA GLY B 122 5.15 -15.40 -3.17
C GLY B 122 5.04 -13.89 -3.27
N HIS B 123 4.20 -13.31 -2.42
CA HIS B 123 4.06 -11.85 -2.35
C HIS B 123 5.36 -11.22 -1.83
N SER B 124 5.95 -11.85 -0.81
CA SER B 124 7.18 -11.35 -0.19
C SER B 124 8.31 -11.27 -1.21
N LEU B 125 8.19 -12.06 -2.26
CA LEU B 125 9.23 -12.15 -3.28
C LEU B 125 8.92 -11.29 -4.50
N GLY B 126 7.71 -10.76 -4.56
CA GLY B 126 7.34 -9.82 -5.61
C GLY B 126 6.27 -10.27 -6.57
N LEU B 127 5.60 -11.38 -6.28
CA LEU B 127 4.48 -11.84 -7.11
C LEU B 127 3.14 -11.28 -6.63
N ASP B 128 2.34 -10.80 -7.58
CA ASP B 128 0.98 -10.36 -7.29
C ASP B 128 0.06 -11.57 -7.47
N HIS B 129 -1.25 -11.36 -7.37
CA HIS B 129 -2.17 -12.46 -7.57
C HIS B 129 -2.25 -12.85 -9.03
N SER B 130 -2.42 -14.14 -9.29
CA SER B 130 -2.56 -14.64 -10.65
C SER B 130 -4.03 -14.74 -11.02
N LYS B 131 -4.32 -14.68 -12.31
CA LYS B 131 -5.68 -14.90 -12.80
C LYS B 131 -5.89 -16.37 -13.19
N ASP B 132 -4.79 -17.12 -13.28
CA ASP B 132 -4.85 -18.55 -13.59
C ASP B 132 -5.38 -19.31 -12.39
N PRO B 133 -6.58 -19.90 -12.53
CA PRO B 133 -7.28 -20.55 -11.42
C PRO B 133 -6.47 -21.71 -10.82
N GLY B 134 -5.48 -22.20 -11.56
CA GLY B 134 -4.68 -23.30 -11.08
C GLY B 134 -3.40 -22.88 -10.37
N ALA B 135 -3.12 -21.58 -10.35
CA ALA B 135 -1.87 -21.07 -9.78
C ALA B 135 -1.90 -21.02 -8.25
N LEU B 136 -0.73 -21.14 -7.63
CA LEU B 136 -0.61 -20.95 -6.19
C LEU B 136 -0.96 -19.50 -5.82
N MET B 137 -0.68 -18.58 -6.74
CA MET B 137 -0.94 -17.16 -6.48
C MET B 137 -2.38 -16.74 -6.82
N PHE B 138 -3.20 -17.70 -7.24
CA PHE B 138 -4.63 -17.46 -7.36
C PHE B 138 -5.20 -17.26 -5.95
N PRO B 139 -5.98 -16.18 -5.76
CA PRO B 139 -6.37 -15.71 -4.42
C PRO B 139 -7.49 -16.52 -3.75
N ILE B 140 -7.56 -17.82 -3.97
CA ILE B 140 -8.54 -18.64 -3.28
C ILE B 140 -7.86 -19.85 -2.66
N TYR B 141 -8.06 -20.03 -1.35
CA TYR B 141 -7.44 -21.16 -0.68
C TYR B 141 -8.05 -22.48 -1.18
N THR B 142 -7.19 -23.45 -1.44
CA THR B 142 -7.64 -24.82 -1.74
C THR B 142 -6.74 -25.81 -1.04
N TYR B 143 -7.22 -27.04 -0.92
CA TYR B 143 -6.45 -28.12 -0.34
C TYR B 143 -6.83 -29.36 -1.11
N THR B 144 -5.88 -29.98 -1.80
CA THR B 144 -6.19 -31.08 -2.71
C THR B 144 -6.21 -32.44 -2.05
N GLY B 145 -5.71 -32.53 -0.82
CA GLY B 145 -5.61 -33.80 -0.12
C GLY B 145 -4.45 -34.68 -0.56
N LYS B 146 -3.65 -34.19 -1.51
CA LYS B 146 -2.49 -34.95 -1.99
C LYS B 146 -1.31 -34.73 -1.06
N SER B 147 -0.40 -35.70 -0.99
CA SER B 147 0.72 -35.65 -0.05
C SER B 147 1.91 -34.85 -0.58
N HIS B 148 1.99 -34.71 -1.90
CA HIS B 148 3.13 -34.05 -2.51
C HIS B 148 2.74 -32.71 -3.10
N PHE B 149 3.50 -31.67 -2.77
CA PHE B 149 3.20 -30.36 -3.34
C PHE B 149 3.94 -30.16 -4.65
N MET B 150 3.24 -29.62 -5.65
CA MET B 150 3.88 -29.25 -6.91
C MET B 150 3.54 -27.81 -7.29
N LEU B 151 4.57 -26.98 -7.42
CA LEU B 151 4.36 -25.59 -7.78
C LEU B 151 3.83 -25.49 -9.21
N PRO B 152 2.63 -24.91 -9.39
CA PRO B 152 2.02 -24.83 -10.71
C PRO B 152 2.89 -24.04 -11.69
N ASP B 153 2.81 -24.39 -12.96
CA ASP B 153 3.65 -23.75 -13.97
C ASP B 153 3.51 -22.22 -14.03
N ASP B 154 2.30 -21.71 -13.77
CA ASP B 154 2.12 -20.25 -13.80
C ASP B 154 2.97 -19.54 -12.75
N ASP B 155 3.13 -20.16 -11.59
CA ASP B 155 3.92 -19.58 -10.51
C ASP B 155 5.41 -19.76 -10.78
N VAL B 156 5.76 -20.88 -11.39
CA VAL B 156 7.14 -21.11 -11.80
C VAL B 156 7.56 -20.06 -12.82
N GLN B 157 6.71 -19.81 -13.80
CA GLN B 157 7.04 -18.80 -14.81
C GLN B 157 7.09 -17.39 -14.22
N GLY B 158 6.21 -17.14 -13.25
CA GLY B 158 6.17 -15.83 -12.61
C GLY B 158 7.42 -15.54 -11.80
N ILE B 159 7.80 -16.48 -10.96
CA ILE B 159 8.94 -16.27 -10.06
C ILE B 159 10.25 -16.23 -10.86
N GLN B 160 10.32 -17.03 -11.92
CA GLN B 160 11.53 -17.09 -12.73
C GLN B 160 11.71 -15.86 -13.61
N SER B 161 10.61 -15.20 -13.96
CA SER B 161 10.71 -13.96 -14.72
C SER B 161 11.39 -12.88 -13.88
N LEU B 162 11.36 -13.06 -12.57
CA LEU B 162 12.01 -12.11 -11.65
C LEU B 162 13.43 -12.54 -11.30
N TYR B 163 13.62 -13.80 -10.93
CA TYR B 163 14.92 -14.23 -10.41
C TYR B 163 15.65 -15.21 -11.31
N GLY B 164 14.96 -15.69 -12.34
CA GLY B 164 15.54 -16.71 -13.19
C GLY B 164 15.47 -18.09 -12.56
N PRO B 165 15.79 -19.12 -13.34
CA PRO B 165 15.80 -20.53 -12.91
C PRO B 165 16.88 -20.80 -11.89
N GLY B 166 16.83 -21.96 -11.26
CA GLY B 166 17.83 -22.33 -10.27
C GLY B 166 19.20 -22.56 -10.89
#